data_9DLH
#
_entry.id   9DLH
#
_cell.length_a   1.00
_cell.length_b   1.00
_cell.length_c   1.00
_cell.angle_alpha   90.00
_cell.angle_beta   90.00
_cell.angle_gamma   90.00
#
_symmetry.space_group_name_H-M   'P 1'
#
loop_
_entity.id
_entity.type
_entity.pdbx_description
1 polymer 'Arabinosyltransferase AftB'
2 non-polymer 2-deoxy-2-fluoro-1-O-[(S)-hydroxy{[(2E,6E)-3,7,11-trimethyldodeca-2,6,10-trien-1-yl]oxy}phosphoryl]-beta-D-arabinofuranose
#
_entity_poly.entity_id   1
_entity_poly.type   'polypeptide(L)'
_entity_poly.pdbx_seq_one_letter_code
;MPQSSSADRLSRPFTEAAATRLNRWPAFPYHVWVRVSLWVSVVTVAALFGWGAWQRRWIADDGLIVLRTVRNLLAGNGPV
FNAGERVEANTSTVWSYLVTLGGFVAGSARLEYVALVLALTLSVLGVVLVMFGTARLYAPGLTGRRAVFLPAGALVYIAI
PPARDFATSGLENGLVLAYLGLLWWMMVCWSQGLRRPDGERTSRGFDATLAVVAGMSVLVRPELALIGGLALVMMLVAAP
TWRRRLALVVVGGLIPVAYQIFRMGYYGLLVPGTALAKDASGAKWDQGLVYLANFNQPYLLWAPAVLLIGLGLMVLLLRG
RPSWGDRGARKESGWIARTVQSPPAVVAFMLISGLLQAVYWIRQGGDFMHGRVLLTPLFCLLAPVAVIPLLLPDRSRMAR
GAGYLYAGATAVLWLAVAGWALWAANSPGMGADATRVTYSGIVDERRFYSQATGHAHPLTAADYLDYPRMRAVLTAIENT
PDGALLLPSGDYDRWDVVPALPPPPDVRAAAVGGYVGPHTVFFTNLGMLGMNVGLDVRVIDQIGLANPLAAHTARLTDGR
IGHDKNLFPDWAVAEGPFLKEPPWIPQYLDEDWIRQAEAALKCPETDKVLDAIRAPMGFRRFLSNVMHAAEYTRYRIDRV
PLYELARCGLPVPEPVDPPYTGLPPTGPA
;
_entity_poly.pdbx_strand_id   C
#
# COMPACT_ATOMS: atom_id res chain seq x y z
N HIS A 31 27.11 -4.74 -28.28
CA HIS A 31 26.94 -4.37 -29.68
C HIS A 31 25.58 -3.72 -29.89
N VAL A 32 25.42 -3.01 -31.01
CA VAL A 32 24.15 -2.38 -31.30
C VAL A 32 23.06 -3.43 -31.48
N TRP A 33 23.40 -4.58 -32.08
CA TRP A 33 22.44 -5.65 -32.31
C TRP A 33 21.77 -6.15 -31.04
N VAL A 34 22.38 -5.93 -29.87
CA VAL A 34 21.79 -6.31 -28.59
C VAL A 34 21.27 -5.10 -27.83
N ARG A 35 21.95 -3.95 -27.94
CA ARG A 35 21.46 -2.76 -27.26
C ARG A 35 20.10 -2.37 -27.81
N VAL A 36 19.96 -2.41 -29.14
CA VAL A 36 18.69 -2.05 -29.78
C VAL A 36 17.63 -3.08 -29.42
N SER A 37 17.99 -4.36 -29.32
CA SER A 37 17.02 -5.38 -28.96
C SER A 37 16.51 -5.17 -27.54
N LEU A 38 17.42 -4.82 -26.63
CA LEU A 38 17.02 -4.48 -25.27
C LEU A 38 16.08 -3.28 -25.26
N TRP A 39 16.44 -2.23 -26.01
CA TRP A 39 15.60 -1.04 -26.04
C TRP A 39 14.23 -1.36 -26.61
N VAL A 40 14.16 -2.19 -27.65
CA VAL A 40 12.89 -2.51 -28.26
C VAL A 40 12.04 -3.34 -27.31
N SER A 41 12.67 -4.26 -26.58
CA SER A 41 11.92 -5.03 -25.58
C SER A 41 11.36 -4.12 -24.49
N VAL A 42 12.18 -3.17 -24.02
CA VAL A 42 11.73 -2.25 -22.97
C VAL A 42 10.60 -1.36 -23.48
N VAL A 43 10.74 -0.84 -24.69
CA VAL A 43 9.75 0.03 -25.29
C VAL A 43 8.44 -0.73 -25.47
N THR A 44 8.53 -1.96 -25.97
CA THR A 44 7.34 -2.76 -26.24
C THR A 44 6.62 -3.10 -24.95
N VAL A 45 7.34 -3.57 -23.93
CA VAL A 45 6.70 -3.93 -22.67
C VAL A 45 6.09 -2.69 -22.01
N ALA A 46 6.82 -1.57 -22.03
CA ALA A 46 6.29 -0.34 -21.45
C ALA A 46 5.03 0.12 -22.16
N ALA A 47 5.03 0.07 -23.49
CA ALA A 47 3.84 0.49 -24.24
C ALA A 47 2.67 -0.42 -23.97
N LEU A 48 2.90 -1.74 -23.99
CA LEU A 48 1.82 -2.68 -23.71
C LEU A 48 1.27 -2.49 -22.30
N PHE A 49 2.15 -2.33 -21.32
CA PHE A 49 1.71 -2.20 -19.93
C PHE A 49 0.99 -0.88 -19.71
N GLY A 50 1.47 0.20 -20.33
CA GLY A 50 0.78 1.48 -20.24
C GLY A 50 -0.59 1.45 -20.89
N TRP A 51 -0.69 0.80 -22.05
CA TRP A 51 -2.00 0.66 -22.69
C TRP A 51 -2.94 -0.18 -21.84
N GLY A 52 -2.42 -1.24 -21.23
CA GLY A 52 -3.26 -2.05 -20.35
C GLY A 52 -3.73 -1.28 -19.14
N ALA A 53 -2.85 -0.45 -18.57
CA ALA A 53 -3.24 0.42 -17.46
C ALA A 53 -4.30 1.42 -17.88
N TRP A 54 -4.07 2.13 -19.00
CA TRP A 54 -5.01 3.15 -19.43
C TRP A 54 -6.35 2.55 -19.84
N GLN A 55 -6.36 1.30 -20.29
CA GLN A 55 -7.60 0.65 -20.67
C GLN A 55 -8.37 0.12 -19.46
N ARG A 56 -7.81 0.23 -18.26
CA ARG A 56 -8.52 -0.09 -17.02
C ARG A 56 -8.24 1.04 -16.04
N ARG A 57 -9.04 2.10 -16.10
CA ARG A 57 -8.89 3.26 -15.22
C ARG A 57 -9.73 3.01 -13.98
N TRP A 58 -9.03 2.48 -12.85
CA TRP A 58 -9.71 2.12 -11.61
C TRP A 58 -8.94 2.72 -10.44
N ILE A 59 -9.69 3.28 -9.49
CA ILE A 59 -9.11 3.80 -8.24
C ILE A 59 -9.92 3.21 -7.09
N ALA A 60 -9.26 2.46 -6.22
CA ALA A 60 -9.96 1.71 -5.20
C ALA A 60 -10.55 2.67 -4.16
N ASP A 61 -11.42 2.13 -3.31
CA ASP A 61 -11.90 2.90 -2.17
C ASP A 61 -10.73 3.29 -1.27
N ASP A 62 -9.81 2.35 -1.02
CA ASP A 62 -8.55 2.70 -0.37
C ASP A 62 -7.75 3.66 -1.24
N GLY A 63 -7.86 3.53 -2.56
CA GLY A 63 -7.18 4.46 -3.45
C GLY A 63 -7.63 5.89 -3.31
N LEU A 64 -8.83 6.11 -2.77
CA LEU A 64 -9.32 7.45 -2.48
C LEU A 64 -8.94 7.91 -1.07
N ILE A 65 -8.40 7.02 -0.24
CA ILE A 65 -7.92 7.44 1.08
C ILE A 65 -6.68 8.32 0.92
N VAL A 66 -5.75 7.93 0.04
CA VAL A 66 -4.60 8.78 -0.23
C VAL A 66 -5.05 10.10 -0.83
N LEU A 67 -5.82 9.96 -1.44
CA LEU A 67 -6.33 11.20 -2.02
C LEU A 67 -6.91 12.08 -0.94
N ARG A 68 -7.83 11.54 -0.12
CA ARG A 68 -8.39 12.35 0.94
C ARG A 68 -7.30 13.01 1.75
N THR A 69 -6.33 12.22 2.21
CA THR A 69 -5.26 12.78 3.03
C THR A 69 -4.55 13.91 2.31
N VAL A 70 -4.19 13.70 1.05
CA VAL A 70 -3.41 14.71 0.35
C VAL A 70 -4.23 15.99 0.18
N ARG A 71 -5.54 15.85 -0.03
CA ARG A 71 -6.38 17.04 -0.07
C ARG A 71 -6.29 17.81 1.24
N ASN A 72 -6.40 17.10 2.37
CA ASN A 72 -6.24 17.73 3.66
C ASN A 72 -4.88 18.39 3.80
N LEU A 73 -3.87 17.84 3.11
CA LEU A 73 -2.55 18.46 3.18
C LEU A 73 -2.51 19.73 2.34
N LEU A 74 -3.18 19.73 1.18
CA LEU A 74 -3.09 20.88 0.29
C LEU A 74 -4.03 22.01 0.72
N ALA A 75 -4.98 21.73 1.60
CA ALA A 75 -5.86 22.74 2.14
C ALA A 75 -5.30 23.40 3.40
N GLY A 76 -4.08 23.07 3.79
CA GLY A 76 -3.45 23.64 4.95
C GLY A 76 -3.66 22.88 6.24
N ASN A 77 -4.32 21.74 6.20
CA ASN A 77 -4.60 20.96 7.40
C ASN A 77 -3.54 19.91 7.68
N GLY A 78 -2.47 19.87 6.89
CA GLY A 78 -1.37 18.95 7.13
C GLY A 78 -1.66 17.55 6.64
N PRO A 79 -0.66 16.67 6.73
CA PRO A 79 -0.83 15.29 6.26
C PRO A 79 -1.77 14.50 7.15
N VAL A 80 -3.07 14.78 7.04
CA VAL A 80 -4.07 14.21 7.94
C VAL A 80 -5.24 13.72 7.12
N PHE A 81 -6.05 12.83 7.71
CA PHE A 81 -7.23 12.33 7.03
C PHE A 81 -8.48 13.18 7.26
N ASN A 82 -8.63 13.75 8.45
CA ASN A 82 -9.72 14.64 8.79
C ASN A 82 -9.17 15.84 9.54
N ALA A 83 -9.88 16.96 9.46
CA ALA A 83 -9.42 18.17 10.12
C ALA A 83 -9.34 17.99 11.63
N GLY A 84 -8.12 17.84 12.15
CA GLY A 84 -7.94 17.64 13.61
C GLY A 84 -7.63 16.20 13.96
N GLU A 85 -8.26 15.24 13.26
CA GLU A 85 -8.05 13.81 13.55
C GLU A 85 -6.74 13.36 12.89
N ARG A 86 -5.62 13.48 13.62
CA ARG A 86 -4.29 13.16 13.03
C ARG A 86 -4.13 11.64 12.90
N VAL A 87 -4.96 11.00 12.07
CA VAL A 87 -4.84 9.53 11.84
C VAL A 87 -4.07 9.31 10.52
N GLU A 88 -2.97 8.54 10.58
CA GLU A 88 -2.15 8.32 9.37
C GLU A 88 -2.72 7.14 8.60
N ALA A 89 -3.59 7.38 7.63
CA ALA A 89 -4.26 6.25 6.95
C ALA A 89 -3.46 5.85 5.70
N ASN A 90 -2.35 6.54 5.44
CA ASN A 90 -1.53 6.25 4.23
C ASN A 90 -0.25 5.52 4.63
N THR A 91 -0.18 4.21 4.38
CA THR A 91 1.03 3.45 4.70
C THR A 91 2.21 3.82 3.81
N SER A 92 1.97 4.55 2.73
CA SER A 92 3.01 4.77 1.73
C SER A 92 4.07 5.73 2.22
N THR A 93 3.67 6.92 2.66
CA THR A 93 4.58 7.96 3.15
C THR A 93 5.39 8.57 2.02
N VAL A 94 5.32 7.98 0.83
CA VAL A 94 5.92 8.54 -0.37
C VAL A 94 4.90 8.71 -1.49
N TRP A 95 4.04 7.71 -1.71
CA TRP A 95 2.93 7.90 -2.63
C TRP A 95 2.01 9.01 -2.14
N SER A 96 1.77 9.07 -0.84
CA SER A 96 0.98 10.16 -0.28
C SER A 96 1.58 11.51 -0.68
N TYR A 97 2.88 11.68 -0.44
CA TYR A 97 3.52 12.96 -0.75
C TYR A 97 3.76 13.14 -2.25
N LEU A 98 3.98 12.05 -3.00
CA LEU A 98 4.08 12.18 -4.44
C LEU A 98 2.77 12.68 -5.05
N VAL A 99 1.65 12.12 -4.61
CA VAL A 99 0.35 12.59 -5.06
C VAL A 99 0.08 13.98 -4.53
N THR A 100 0.59 14.32 -3.34
CA THR A 100 0.48 15.68 -2.85
C THR A 100 1.15 16.66 -3.81
N LEU A 101 2.39 16.37 -4.22
CA LEU A 101 3.08 17.23 -5.17
C LEU A 101 2.32 17.31 -6.48
N GLY A 102 1.87 16.16 -7.00
CA GLY A 102 1.12 16.17 -8.24
C GLY A 102 -0.13 17.04 -8.15
N GLY A 103 -0.91 16.87 -7.08
CA GLY A 103 -2.10 17.68 -6.91
C GLY A 103 -1.78 19.16 -6.78
N PHE A 104 -0.69 19.48 -6.09
CA PHE A 104 -0.26 20.87 -5.98
C PHE A 104 0.00 21.47 -7.35
N VAL A 105 0.85 20.81 -8.15
CA VAL A 105 1.18 21.38 -9.45
C VAL A 105 -0.01 21.40 -10.39
N ALA A 106 -1.01 20.53 -10.16
CA ALA A 106 -2.11 20.38 -11.09
C ALA A 106 -3.14 21.49 -10.89
N GLY A 107 -3.52 22.15 -11.98
CA GLY A 107 -4.53 23.19 -11.91
C GLY A 107 -5.95 22.70 -12.00
N SER A 108 -6.16 21.44 -12.36
CA SER A 108 -7.50 20.86 -12.41
C SER A 108 -7.91 20.40 -11.01
N ALA A 109 -9.11 20.81 -10.59
CA ALA A 109 -9.56 20.55 -9.22
C ALA A 109 -9.59 19.07 -8.88
N ARG A 110 -9.66 18.19 -9.88
CA ARG A 110 -9.67 16.75 -9.62
C ARG A 110 -8.25 16.26 -9.35
N LEU A 111 -8.02 15.74 -8.15
CA LEU A 111 -6.77 15.07 -7.84
C LEU A 111 -6.75 13.61 -8.26
N GLU A 112 -7.92 13.06 -8.62
CA GLU A 112 -7.97 11.68 -9.09
C GLU A 112 -7.18 11.52 -10.39
N TYR A 113 -7.24 12.54 -11.26
CA TYR A 113 -6.43 12.50 -12.47
C TYR A 113 -4.96 12.48 -12.13
N VAL A 114 -4.56 13.21 -11.09
CA VAL A 114 -3.17 13.18 -10.63
C VAL A 114 -2.79 11.78 -10.19
N ALA A 115 -3.67 11.13 -9.41
CA ALA A 115 -3.38 9.78 -8.95
C ALA A 115 -3.26 8.81 -10.13
N LEU A 116 -4.16 8.93 -11.10
CA LEU A 116 -4.13 8.06 -12.28
C LEU A 116 -2.83 8.24 -13.05
N VAL A 117 -2.49 9.49 -13.38
CA VAL A 117 -1.31 9.77 -14.18
C VAL A 117 -0.06 9.30 -13.46
N LEU A 118 0.03 9.59 -12.15
CA LEU A 118 1.20 9.19 -11.39
C LEU A 118 1.31 7.67 -11.30
N ALA A 119 0.20 6.97 -11.08
CA ALA A 119 0.27 5.52 -11.01
C ALA A 119 0.76 4.94 -12.34
N LEU A 120 0.18 5.39 -13.45
CA LEU A 120 0.63 4.90 -14.75
C LEU A 120 2.11 5.18 -14.97
N THR A 121 2.52 6.43 -14.78
CA THR A 121 3.89 6.81 -15.09
C THR A 121 4.88 6.10 -14.19
N LEU A 122 4.60 6.05 -12.88
CA LEU A 122 5.51 5.42 -11.94
C LEU A 122 5.61 3.92 -12.18
N SER A 123 4.48 3.26 -12.48
CA SER A 123 4.53 1.83 -12.72
C SER A 123 5.25 1.50 -14.02
N VAL A 124 5.02 2.29 -15.08
CA VAL A 124 5.75 2.08 -16.33
C VAL A 124 7.24 2.30 -16.12
N LEU A 125 7.60 3.34 -15.34
CA LEU A 125 9.00 3.56 -15.04
C LEU A 125 9.59 2.41 -14.24
N GLY A 126 8.81 1.85 -13.32
CA GLY A 126 9.30 0.70 -12.56
C GLY A 126 9.59 -0.49 -13.46
N VAL A 127 8.68 -0.77 -14.39
CA VAL A 127 8.91 -1.86 -15.33
C VAL A 127 10.16 -1.59 -16.16
N VAL A 128 10.29 -0.35 -16.64
CA VAL A 128 11.44 0.00 -17.49
C VAL A 128 12.73 -0.17 -16.69
N LEU A 129 12.74 0.30 -15.45
CA LEU A 129 13.94 0.25 -14.63
C LEU A 129 14.32 -1.19 -14.29
N VAL A 130 13.34 -2.04 -14.01
CA VAL A 130 13.68 -3.44 -13.73
C VAL A 130 14.20 -4.12 -14.99
N MET A 131 13.62 -3.80 -16.16
CA MET A 131 14.13 -4.34 -17.41
C MET A 131 15.59 -3.95 -17.61
N PHE A 132 15.91 -2.67 -17.38
CA PHE A 132 17.28 -2.21 -17.60
C PHE A 132 18.23 -2.77 -16.55
N GLY A 133 17.76 -2.95 -15.31
CA GLY A 133 18.60 -3.59 -14.30
C GLY A 133 18.94 -5.03 -14.66
N THR A 134 17.94 -5.79 -15.12
CA THR A 134 18.21 -7.15 -15.57
C THR A 134 19.12 -7.16 -16.79
N ALA A 135 18.94 -6.19 -17.68
CA ALA A 135 19.80 -6.08 -18.84
C ALA A 135 21.24 -5.87 -18.44
N ARG A 136 21.48 -4.97 -17.48
CA ARG A 136 22.85 -4.79 -16.99
C ARG A 136 23.35 -6.03 -16.28
N LEU A 137 22.48 -6.74 -15.56
CA LEU A 137 22.89 -7.96 -14.89
C LEU A 137 23.41 -8.99 -15.90
N TYR A 138 22.73 -9.11 -17.03
CA TYR A 138 23.15 -10.05 -18.07
C TYR A 138 24.21 -9.49 -19.02
N ALA A 139 24.45 -8.18 -18.98
CA ALA A 139 25.39 -7.56 -19.90
C ALA A 139 26.79 -8.16 -19.86
N PRO A 140 27.45 -8.35 -18.70
CA PRO A 140 28.83 -8.87 -18.74
C PRO A 140 28.96 -10.19 -19.47
N GLY A 141 27.93 -11.05 -19.40
CA GLY A 141 27.98 -12.31 -20.12
C GLY A 141 27.98 -12.16 -21.62
N LEU A 142 27.43 -11.06 -22.14
CA LEU A 142 27.30 -10.85 -23.57
C LEU A 142 28.37 -9.93 -24.15
N THR A 143 29.45 -9.68 -23.39
CA THR A 143 30.46 -8.74 -23.85
C THR A 143 31.05 -9.18 -25.19
N GLY A 144 31.50 -10.43 -25.27
CA GLY A 144 32.13 -10.93 -26.48
C GLY A 144 31.20 -11.70 -27.40
N ARG A 145 30.01 -12.04 -26.90
CA ARG A 145 29.03 -12.82 -27.66
C ARG A 145 27.77 -11.99 -27.85
N ARG A 146 27.32 -11.88 -29.10
CA ARG A 146 26.12 -11.11 -29.40
C ARG A 146 24.89 -11.97 -29.22
N ALA A 147 23.92 -11.44 -28.47
CA ALA A 147 22.72 -12.18 -28.11
C ALA A 147 21.52 -11.24 -28.15
N VAL A 148 20.34 -11.82 -28.32
CA VAL A 148 19.11 -11.04 -28.37
C VAL A 148 18.38 -11.20 -27.05
N PHE A 149 18.26 -10.11 -26.30
CA PHE A 149 17.42 -10.10 -25.12
C PHE A 149 15.96 -10.31 -25.49
N LEU A 150 15.23 -11.02 -24.64
CA LEU A 150 13.79 -11.16 -24.84
C LEU A 150 13.06 -10.99 -23.51
N PRO A 151 11.87 -10.40 -23.53
CA PRO A 151 11.13 -10.16 -22.29
C PRO A 151 10.48 -11.42 -21.77
N ALA A 152 10.86 -11.84 -20.57
CA ALA A 152 10.25 -12.97 -19.90
C ALA A 152 10.19 -12.66 -18.41
N GLY A 153 9.31 -13.36 -17.70
CA GLY A 153 9.19 -13.13 -16.27
C GLY A 153 8.54 -11.80 -15.93
N ALA A 154 9.09 -10.71 -16.45
CA ALA A 154 8.42 -9.43 -16.31
C ALA A 154 7.26 -9.30 -17.31
N LEU A 155 7.40 -9.88 -18.50
CA LEU A 155 6.30 -9.88 -19.45
C LEU A 155 5.07 -10.59 -18.90
N VAL A 156 5.26 -11.75 -18.26
CA VAL A 156 4.13 -12.42 -17.62
C VAL A 156 3.57 -11.56 -16.51
N TYR A 157 4.42 -10.82 -15.81
CA TYR A 157 3.94 -9.90 -14.77
C TYR A 157 3.03 -8.85 -15.38
N ILE A 158 3.41 -8.31 -16.55
CA ILE A 158 2.54 -7.38 -17.25
C ILE A 158 1.22 -8.05 -17.61
N ALA A 159 1.30 -9.30 -18.08
CA ALA A 159 0.09 -10.00 -18.49
C ALA A 159 -0.85 -10.24 -17.32
N ILE A 160 -0.30 -10.61 -16.17
CA ILE A 160 -1.06 -11.00 -14.98
C ILE A 160 -2.10 -9.93 -14.66
N PRO A 161 -3.39 -10.25 -14.79
CA PRO A 161 -4.43 -9.21 -14.72
C PRO A 161 -4.39 -8.39 -13.44
N PRO A 162 -4.12 -8.98 -12.27
CA PRO A 162 -4.01 -8.11 -11.08
C PRO A 162 -2.99 -7.01 -11.21
N ALA A 163 -1.83 -7.30 -11.82
CA ALA A 163 -0.82 -6.25 -12.01
C ALA A 163 -1.33 -5.16 -12.93
N ARG A 164 -2.02 -5.54 -14.00
CA ARG A 164 -2.54 -4.55 -14.93
C ARG A 164 -3.65 -3.73 -14.30
N ASP A 165 -4.45 -4.33 -13.41
CA ASP A 165 -5.55 -3.61 -12.77
C ASP A 165 -5.03 -2.65 -11.71
N PHE A 166 -4.03 -3.07 -10.94
CA PHE A 166 -3.52 -2.31 -9.82
C PHE A 166 -2.39 -1.35 -10.22
N ALA A 167 -2.12 -1.21 -11.51
CA ALA A 167 -1.15 -0.22 -11.98
C ALA A 167 -1.76 1.17 -12.13
N THR A 168 -2.96 1.23 -11.88
CA THR A 168 -3.69 2.47 -12.12
C THR A 168 -4.28 3.08 -10.85
N SER A 169 -4.66 2.27 -9.88
CA SER A 169 -5.30 2.79 -8.68
C SER A 169 -4.35 3.71 -7.92
N GLY A 170 -4.90 4.36 -6.91
CA GLY A 170 -4.13 5.27 -6.09
C GLY A 170 -3.36 4.55 -5.02
N LEU A 171 -3.31 3.23 -5.15
CA LEU A 171 -2.58 2.44 -4.15
C LEU A 171 -1.07 2.55 -4.44
N GLU A 172 -0.23 1.84 -3.68
CA GLU A 172 1.25 2.04 -3.85
C GLU A 172 1.81 1.11 -4.92
N ASN A 173 0.99 0.26 -5.55
CA ASN A 173 1.52 -0.70 -6.51
C ASN A 173 2.21 -0.05 -7.69
N GLY A 174 2.01 1.24 -7.91
CA GLY A 174 2.76 1.95 -8.93
C GLY A 174 4.07 2.44 -8.37
N LEU A 175 4.01 3.11 -7.22
CA LEU A 175 5.22 3.57 -6.58
C LEU A 175 6.08 2.40 -6.10
N VAL A 176 5.43 1.33 -5.64
CA VAL A 176 6.20 0.15 -5.24
C VAL A 176 6.94 -0.43 -6.43
N LEU A 177 6.27 -0.59 -7.57
CA LEU A 177 6.94 -1.07 -8.77
C LEU A 177 8.09 -0.15 -9.17
N ALA A 178 7.86 1.17 -9.14
CA ALA A 178 8.91 2.11 -9.47
C ALA A 178 10.11 1.94 -8.55
N TYR A 179 9.85 1.85 -7.24
CA TYR A 179 10.93 1.70 -6.29
C TYR A 179 11.68 0.40 -6.47
N LEU A 180 10.95 -0.70 -6.70
CA LEU A 180 11.61 -1.99 -6.88
C LEU A 180 12.47 -1.98 -8.13
N GLY A 181 11.97 -1.38 -9.22
CA GLY A 181 12.79 -1.28 -10.42
C GLY A 181 14.06 -0.47 -10.18
N LEU A 182 13.91 0.70 -9.52
CA LEU A 182 15.07 1.53 -9.24
C LEU A 182 16.08 0.80 -8.36
N LEU A 183 15.59 0.16 -7.30
CA LEU A 183 16.48 -0.53 -6.38
C LEU A 183 17.17 -1.71 -7.06
N TRP A 184 16.45 -2.44 -7.91
CA TRP A 184 17.06 -3.55 -8.64
C TRP A 184 18.15 -3.04 -9.56
N TRP A 185 17.87 -1.97 -10.31
CA TRP A 185 18.88 -1.43 -11.21
C TRP A 185 20.11 -0.98 -10.44
N MET A 186 19.91 -0.27 -9.33
CA MET A 186 21.05 0.25 -8.58
C MET A 186 21.84 -0.89 -7.92
N MET A 187 21.14 -1.92 -7.44
CA MET A 187 21.83 -3.06 -6.85
C MET A 187 22.66 -3.81 -7.89
N VAL A 188 22.11 -3.97 -9.10
CA VAL A 188 22.86 -4.62 -10.17
C VAL A 188 24.07 -3.78 -10.55
N CYS A 189 23.89 -2.46 -10.64
CA CYS A 189 25.00 -1.57 -10.93
C CYS A 189 26.10 -1.71 -9.88
N TRP A 190 25.71 -1.78 -8.60
CA TRP A 190 26.67 -1.95 -7.52
C TRP A 190 27.39 -3.28 -7.63
N SER A 191 26.65 -4.36 -7.95
CA SER A 191 27.28 -5.67 -8.09
C SER A 191 28.32 -5.67 -9.19
N GLN A 192 27.95 -5.24 -10.40
CA GLN A 192 28.94 -5.15 -11.47
C GLN A 192 29.97 -4.06 -11.23
N GLY A 193 29.71 -3.12 -10.31
CA GLY A 193 30.65 -2.04 -10.07
C GLY A 193 31.99 -2.49 -9.54
N LEU A 194 32.10 -3.76 -9.13
CA LEU A 194 33.32 -4.29 -8.52
C LEU A 194 34.39 -4.43 -9.59
N ARG A 195 35.06 -3.31 -9.87
CA ARG A 195 36.16 -3.28 -10.83
C ARG A 195 37.40 -2.58 -10.29
N ARG A 196 37.39 -2.14 -9.02
CA ARG A 196 38.52 -1.52 -8.36
C ARG A 196 39.04 -0.31 -9.14
N PRO A 197 38.28 0.79 -9.22
CA PRO A 197 38.80 1.97 -9.90
C PRO A 197 39.91 2.66 -9.11
N ASP A 198 39.72 2.86 -7.81
CA ASP A 198 40.74 3.44 -6.95
C ASP A 198 40.85 2.70 -5.62
N GLY A 199 40.46 1.42 -5.59
CA GLY A 199 40.47 0.65 -4.36
C GLY A 199 39.16 0.65 -3.60
N GLU A 200 38.17 1.45 -4.03
CA GLU A 200 36.89 1.51 -3.33
C GLU A 200 35.86 0.55 -3.91
N ARG A 201 36.09 0.02 -5.11
CA ARG A 201 35.28 -0.98 -5.79
C ARG A 201 33.91 -0.45 -6.22
N THR A 202 33.60 0.82 -5.98
CA THR A 202 32.37 1.44 -6.44
C THR A 202 32.41 2.93 -6.10
N SER A 203 31.76 3.73 -6.93
CA SER A 203 31.75 5.17 -6.73
C SER A 203 31.12 5.52 -5.38
N ARG A 204 31.77 6.45 -4.67
CA ARG A 204 31.28 6.85 -3.35
C ARG A 204 29.88 7.46 -3.44
N GLY A 205 29.67 8.35 -4.42
CA GLY A 205 28.37 8.98 -4.56
C GLY A 205 27.28 7.99 -4.91
N PHE A 206 27.58 7.07 -5.83
CA PHE A 206 26.60 6.05 -6.20
C PHE A 206 26.30 5.14 -5.01
N ASP A 207 27.33 4.77 -4.24
CA ASP A 207 27.11 3.94 -3.07
C ASP A 207 26.21 4.65 -2.06
N ALA A 208 26.46 5.94 -1.82
CA ALA A 208 25.64 6.69 -0.89
C ALA A 208 24.21 6.78 -1.38
N THR A 209 24.01 7.05 -2.67
CA THR A 209 22.65 7.14 -3.21
C THR A 209 21.91 5.81 -3.10
N LEU A 210 22.61 4.71 -3.38
CA LEU A 210 21.97 3.40 -3.24
C LEU A 210 21.61 3.14 -1.78
N ALA A 211 22.47 3.54 -0.85
CA ALA A 211 22.14 3.41 0.56
C ALA A 211 20.90 4.22 0.91
N VAL A 212 20.79 5.44 0.36
CA VAL A 212 19.62 6.27 0.60
C VAL A 212 18.36 5.60 0.08
N VAL A 213 18.44 5.02 -1.12
CA VAL A 213 17.29 4.32 -1.69
C VAL A 213 16.89 3.15 -0.81
N ALA A 214 17.88 2.37 -0.38
CA ALA A 214 17.62 1.21 0.46
C ALA A 214 16.94 1.65 1.76
N GLY A 215 17.39 2.77 2.31
CA GLY A 215 16.74 3.31 3.49
C GLY A 215 15.30 3.70 3.20
N MET A 216 15.07 4.39 2.08
CA MET A 216 13.71 4.81 1.74
C MET A 216 12.78 3.64 1.50
N SER A 217 13.33 2.44 1.28
CA SER A 217 12.46 1.26 1.20
C SER A 217 11.52 1.18 2.39
N VAL A 218 12.04 1.42 3.60
CA VAL A 218 11.22 1.35 4.81
C VAL A 218 10.03 2.30 4.71
N LEU A 219 10.29 3.53 4.27
CA LEU A 219 9.21 4.50 4.11
C LEU A 219 8.20 4.08 3.07
N VAL A 220 8.68 3.60 1.91
CA VAL A 220 7.81 3.36 0.76
C VAL A 220 6.65 2.43 1.12
N ARG A 221 6.96 1.31 1.78
CA ARG A 221 5.94 0.39 2.25
C ARG A 221 6.54 -0.39 3.40
N PRO A 222 5.82 -0.56 4.51
CA PRO A 222 6.42 -1.21 5.69
C PRO A 222 6.97 -2.60 5.40
N GLU A 223 6.29 -3.38 4.56
CA GLU A 223 6.82 -4.70 4.22
C GLU A 223 8.15 -4.59 3.46
N LEU A 224 8.24 -3.62 2.55
CA LEU A 224 9.47 -3.39 1.79
C LEU A 224 10.68 -3.20 2.70
N ALA A 225 10.46 -2.87 3.97
CA ALA A 225 11.58 -2.75 4.91
C ALA A 225 12.47 -3.98 4.85
N LEU A 226 11.84 -5.17 4.76
CA LEU A 226 12.58 -6.41 4.58
C LEU A 226 13.67 -6.23 3.54
N ILE A 227 13.26 -5.92 2.30
CA ILE A 227 14.24 -5.64 1.25
C ILE A 227 15.19 -4.55 1.71
N GLY A 228 14.64 -3.42 2.15
CA GLY A 228 15.46 -2.32 2.62
C GLY A 228 16.42 -2.72 3.72
N GLY A 229 16.06 -3.72 4.51
CA GLY A 229 16.98 -4.24 5.49
C GLY A 229 18.04 -5.07 4.79
N LEU A 230 17.59 -6.09 4.06
CA LEU A 230 18.53 -7.00 3.42
C LEU A 230 19.39 -6.28 2.38
N ALA A 231 18.89 -5.20 1.81
CA ALA A 231 19.71 -4.40 0.90
C ALA A 231 20.83 -3.70 1.66
N LEU A 232 20.52 -3.13 2.83
CA LEU A 232 21.54 -2.41 3.59
C LEU A 232 22.63 -3.32 4.10
N VAL A 233 22.26 -4.44 4.73
CA VAL A 233 23.26 -5.34 5.32
C VAL A 233 24.24 -5.81 4.26
N MET A 234 23.74 -6.21 3.09
CA MET A 234 24.62 -6.64 2.01
C MET A 234 25.62 -5.56 1.66
N MET A 235 25.18 -4.30 1.71
CA MET A 235 26.09 -3.20 1.49
C MET A 235 27.00 -3.00 2.71
N LEU A 236 26.43 -3.11 3.91
CA LEU A 236 27.23 -2.93 5.12
C LEU A 236 28.38 -3.92 5.18
N VAL A 237 28.08 -5.20 4.97
CA VAL A 237 29.12 -6.22 4.99
C VAL A 237 30.12 -6.03 3.86
N ALA A 238 29.76 -5.27 2.82
CA ALA A 238 30.69 -5.00 1.74
C ALA A 238 31.62 -3.84 2.03
N ALA A 239 31.43 -3.14 3.15
CA ALA A 239 32.29 -2.02 3.51
C ALA A 239 33.45 -2.51 4.38
N PRO A 240 34.68 -2.07 4.11
CA PRO A 240 35.81 -2.64 4.85
C PRO A 240 35.86 -2.25 6.32
N THR A 241 35.65 -0.97 6.64
CA THR A 241 35.91 -0.43 7.96
C THR A 241 34.61 -0.07 8.67
N TRP A 242 34.61 -0.25 9.99
CA TRP A 242 33.45 0.07 10.80
C TRP A 242 33.01 1.51 10.62
N ARG A 243 33.97 2.43 10.42
CA ARG A 243 33.63 3.82 10.18
C ARG A 243 32.81 3.96 8.89
N ARG A 244 33.21 3.24 7.84
CA ARG A 244 32.47 3.30 6.59
C ARG A 244 31.08 2.70 6.74
N ARG A 245 30.95 1.60 7.49
CA ARG A 245 29.64 1.03 7.73
C ARG A 245 28.75 1.99 8.48
N LEU A 246 29.31 2.68 9.49
CA LEU A 246 28.55 3.67 10.24
C LEU A 246 28.08 4.79 9.33
N ALA A 247 28.99 5.32 8.49
CA ALA A 247 28.60 6.38 7.59
C ALA A 247 27.52 5.92 6.62
N LEU A 248 27.65 4.70 6.10
CA LEU A 248 26.67 4.18 5.14
C LEU A 248 25.30 4.02 5.79
N VAL A 249 25.25 3.45 6.99
CA VAL A 249 23.95 3.26 7.63
C VAL A 249 23.34 4.60 8.02
N VAL A 250 24.15 5.59 8.43
CA VAL A 250 23.61 6.89 8.79
C VAL A 250 23.06 7.61 7.56
N VAL A 251 23.89 7.78 6.54
CA VAL A 251 23.45 8.53 5.36
C VAL A 251 22.29 7.83 4.68
N GLY A 252 22.34 6.50 4.55
CA GLY A 252 21.27 5.80 3.88
C GLY A 252 19.94 5.89 4.60
N GLY A 253 19.98 5.94 5.94
CA GLY A 253 18.76 5.92 6.72
C GLY A 253 18.57 7.22 7.50
N LEU A 254 18.83 8.37 6.88
CA LEU A 254 18.61 9.62 7.60
C LEU A 254 17.18 10.13 7.43
N ILE A 255 16.71 10.19 6.20
CA ILE A 255 15.32 10.57 5.94
C ILE A 255 14.33 9.57 6.55
N PRO A 256 14.49 8.25 6.40
CA PRO A 256 13.53 7.34 7.05
C PRO A 256 13.45 7.53 8.55
N VAL A 257 14.58 7.73 9.22
CA VAL A 257 14.56 7.92 10.67
C VAL A 257 13.93 9.27 11.01
N ALA A 258 14.24 10.30 10.22
CA ALA A 258 13.66 11.61 10.45
C ALA A 258 12.13 11.54 10.33
N TYR A 259 11.64 10.85 9.29
CA TYR A 259 10.20 10.73 9.16
C TYR A 259 9.60 9.79 10.20
N GLN A 260 10.38 8.84 10.72
CA GLN A 260 9.87 8.04 11.83
C GLN A 260 9.68 8.92 13.06
N ILE A 261 10.62 9.84 13.30
CA ILE A 261 10.45 10.80 14.39
C ILE A 261 9.24 11.69 14.15
N PHE A 262 9.06 12.16 12.91
CA PHE A 262 7.90 12.97 12.59
C PHE A 262 6.62 12.18 12.76
N ARG A 263 6.63 10.90 12.41
CA ARG A 263 5.47 10.05 12.58
C ARG A 263 5.14 9.91 14.05
N MET A 264 6.15 9.62 14.87
CA MET A 264 5.97 9.57 16.31
C MET A 264 5.32 10.85 16.81
N GLY A 265 5.82 12.00 16.35
CA GLY A 265 5.27 13.27 16.76
C GLY A 265 3.84 13.51 16.31
N TYR A 266 3.66 13.68 15.01
CA TYR A 266 2.38 14.07 14.43
C TYR A 266 1.35 12.94 14.39
N TYR A 267 1.66 11.75 14.90
CA TYR A 267 0.63 10.72 15.05
C TYR A 267 0.69 9.97 16.37
N GLY A 268 1.86 10.03 17.10
CA GLY A 268 1.99 9.31 18.35
C GLY A 268 2.01 7.82 18.20
N LEU A 269 2.25 7.29 17.00
CA LEU A 269 2.18 5.87 16.73
C LEU A 269 3.45 5.41 16.04
N LEU A 270 3.96 4.25 16.46
CA LEU A 270 5.12 3.65 15.82
C LEU A 270 4.81 3.12 14.43
N VAL A 271 3.54 2.89 14.13
CA VAL A 271 3.14 2.31 12.85
C VAL A 271 2.16 3.26 12.19
N PRO A 272 1.91 3.10 10.89
CA PRO A 272 1.09 4.09 10.19
C PRO A 272 -0.27 4.31 10.82
N GLY A 273 -0.90 3.27 11.34
CA GLY A 273 -2.21 3.39 11.96
C GLY A 273 -3.19 2.36 11.44
N THR A 274 -3.06 2.09 10.15
CA THR A 274 -3.88 1.01 9.54
C THR A 274 -3.30 -0.30 10.05
N ALA A 275 -1.99 -0.46 9.91
CA ALA A 275 -1.34 -1.69 10.34
C ALA A 275 -1.59 -1.96 11.83
N LEU A 276 -1.92 -0.94 12.60
CA LEU A 276 -2.27 -1.12 14.00
C LEU A 276 -3.70 -1.62 14.18
N ALA A 277 -4.53 -1.48 13.14
CA ALA A 277 -5.93 -1.95 13.22
C ALA A 277 -5.95 -3.47 13.37
N LYS A 278 -4.77 -4.11 13.29
CA LYS A 278 -4.67 -5.59 13.40
C LYS A 278 -3.91 -5.96 14.68
N ASP A 279 -4.53 -6.73 15.59
CA ASP A 279 -3.91 -7.03 16.87
C ASP A 279 -3.58 -8.50 16.92
N ALA A 280 -2.34 -8.81 17.31
CA ALA A 280 -1.86 -10.19 17.41
C ALA A 280 -2.13 -10.96 16.13
N SER A 281 -1.90 -10.31 15.00
CA SER A 281 -2.15 -10.90 13.69
C SER A 281 -0.91 -11.67 13.26
N GLY A 282 -1.00 -12.98 13.30
CA GLY A 282 0.09 -13.83 12.85
C GLY A 282 -0.35 -15.27 12.77
N ALA A 283 0.50 -16.08 12.12
CA ALA A 283 0.31 -17.52 12.01
C ALA A 283 -1.03 -17.88 11.38
N LYS A 284 -1.42 -17.10 10.37
CA LYS A 284 -2.59 -17.46 9.54
C LYS A 284 -2.12 -18.24 8.30
N TRP A 285 -1.37 -19.31 8.57
CA TRP A 285 -0.80 -20.12 7.49
C TRP A 285 -1.89 -20.71 6.61
N ASP A 286 -2.95 -21.24 7.23
CA ASP A 286 -4.04 -21.83 6.45
C ASP A 286 -4.73 -20.78 5.59
N GLN A 287 -5.08 -19.63 6.19
CA GLN A 287 -5.75 -18.57 5.44
C GLN A 287 -4.84 -18.01 4.35
N GLY A 288 -3.56 -17.82 4.66
CA GLY A 288 -2.64 -17.32 3.65
C GLY A 288 -2.46 -18.30 2.50
N LEU A 289 -2.39 -19.59 2.81
CA LEU A 289 -2.30 -20.60 1.75
C LEU A 289 -3.57 -20.60 0.91
N VAL A 290 -4.73 -20.42 1.53
CA VAL A 290 -5.98 -20.31 0.78
C VAL A 290 -5.93 -19.11 -0.16
N TYR A 291 -5.43 -17.98 0.35
CA TYR A 291 -5.32 -16.78 -0.48
C TYR A 291 -4.38 -17.02 -1.66
N LEU A 292 -3.23 -17.65 -1.40
CA LEU A 292 -2.29 -17.92 -2.48
C LEU A 292 -2.89 -18.84 -3.53
N ALA A 293 -3.61 -19.89 -3.09
CA ALA A 293 -4.26 -20.78 -4.04
C ALA A 293 -5.33 -20.04 -4.85
N ASN A 294 -6.08 -19.15 -4.21
CA ASN A 294 -7.08 -18.37 -4.92
C ASN A 294 -6.42 -17.47 -5.96
N PHE A 295 -5.28 -16.86 -5.59
CA PHE A 295 -4.57 -16.00 -6.54
C PHE A 295 -4.03 -16.80 -7.71
N ASN A 296 -3.55 -18.02 -7.46
CA ASN A 296 -2.98 -18.85 -8.52
C ASN A 296 -4.06 -19.46 -9.42
N GLN A 297 -5.25 -19.71 -8.89
CA GLN A 297 -6.24 -20.49 -9.64
C GLN A 297 -6.65 -19.89 -10.98
N PRO A 298 -7.04 -18.61 -11.08
CA PRO A 298 -7.55 -18.11 -12.37
C PRO A 298 -6.49 -17.95 -13.43
N TYR A 299 -5.21 -17.99 -13.08
CA TYR A 299 -4.13 -17.76 -14.04
C TYR A 299 -3.14 -18.91 -14.16
N LEU A 300 -3.13 -19.84 -13.21
CA LEU A 300 -2.18 -20.96 -13.20
C LEU A 300 -0.74 -20.43 -13.21
N LEU A 301 -0.39 -19.73 -12.14
CA LEU A 301 0.96 -19.21 -11.98
C LEU A 301 2.02 -20.30 -11.79
N TRP A 302 1.61 -21.53 -11.50
CA TRP A 302 2.58 -22.61 -11.33
C TRP A 302 3.38 -22.86 -12.59
N ALA A 303 2.72 -22.81 -13.76
CA ALA A 303 3.45 -23.00 -15.01
C ALA A 303 4.48 -21.89 -15.23
N PRO A 304 4.14 -20.59 -15.13
CA PRO A 304 5.21 -19.58 -15.22
C PRO A 304 6.30 -19.76 -14.20
N ALA A 305 5.96 -20.09 -12.95
CA ALA A 305 7.00 -20.23 -11.93
C ALA A 305 7.98 -21.34 -12.32
N VAL A 306 7.45 -22.52 -12.65
CA VAL A 306 8.30 -23.66 -12.99
C VAL A 306 9.12 -23.35 -14.24
N LEU A 307 8.45 -22.82 -15.27
CA LEU A 307 9.12 -22.58 -16.54
C LEU A 307 10.19 -21.51 -16.42
N LEU A 308 9.92 -20.43 -15.69
CA LEU A 308 10.91 -19.38 -15.52
C LEU A 308 12.06 -19.83 -14.65
N ILE A 309 11.80 -20.66 -13.63
CA ILE A 309 12.89 -21.23 -12.86
C ILE A 309 13.80 -22.06 -13.75
N GLY A 310 13.19 -22.94 -14.55
CA GLY A 310 13.98 -23.76 -15.45
C GLY A 310 14.76 -22.94 -16.46
N LEU A 311 14.13 -21.88 -16.97
CA LEU A 311 14.78 -21.03 -17.96
C LEU A 311 15.94 -20.25 -17.36
N GLY A 312 15.74 -19.72 -16.14
CA GLY A 312 16.83 -19.02 -15.47
C GLY A 312 18.00 -19.95 -15.16
N LEU A 313 17.70 -21.19 -14.76
CA LEU A 313 18.79 -22.15 -14.56
C LEU A 313 19.48 -22.48 -15.87
N MET A 314 18.72 -22.65 -16.95
CA MET A 314 19.34 -22.97 -18.24
C MET A 314 20.22 -21.85 -18.74
N VAL A 315 19.78 -20.60 -18.57
CA VAL A 315 20.62 -19.46 -18.92
C VAL A 315 21.86 -19.41 -18.02
N LEU A 316 21.67 -19.68 -16.72
CA LEU A 316 22.78 -19.59 -15.78
C LEU A 316 23.86 -20.60 -16.08
N LEU A 317 23.54 -21.68 -16.78
CA LEU A 317 24.52 -22.70 -17.14
C LEU A 317 25.37 -22.22 -18.32
N LEU A 318 26.18 -21.20 -18.04
CA LEU A 318 27.06 -20.60 -19.04
C LEU A 318 28.12 -21.60 -19.50
N ILE A 336 33.53 -13.52 2.72
CA ILE A 336 34.27 -12.27 2.62
C ILE A 336 33.33 -11.24 2.00
N ALA A 337 33.79 -9.99 1.90
CA ALA A 337 32.94 -8.93 1.35
C ALA A 337 32.81 -9.03 -0.17
N ARG A 338 33.83 -9.58 -0.84
CA ARG A 338 33.80 -9.64 -2.30
C ARG A 338 32.65 -10.50 -2.81
N THR A 339 32.29 -11.55 -2.07
CA THR A 339 31.26 -12.48 -2.53
C THR A 339 29.85 -11.98 -2.27
N VAL A 340 29.68 -10.87 -1.55
CA VAL A 340 28.36 -10.29 -1.33
C VAL A 340 28.14 -9.21 -2.38
N GLN A 341 29.22 -8.61 -2.85
CA GLN A 341 29.15 -7.58 -3.89
C GLN A 341 29.33 -8.20 -5.27
N SER A 342 28.51 -9.19 -5.59
CA SER A 342 28.60 -9.90 -6.86
C SER A 342 27.21 -10.05 -7.45
N PRO A 343 27.10 -10.12 -8.77
CA PRO A 343 25.79 -10.25 -9.42
C PRO A 343 25.04 -11.51 -8.99
N PRO A 344 25.71 -12.66 -8.77
CA PRO A 344 24.98 -13.78 -8.15
C PRO A 344 24.44 -13.43 -6.78
N ALA A 345 25.18 -12.67 -5.98
CA ALA A 345 24.69 -12.25 -4.68
C ALA A 345 23.46 -11.37 -4.80
N VAL A 346 23.43 -10.47 -5.77
CA VAL A 346 22.28 -9.59 -5.95
C VAL A 346 21.07 -10.37 -6.46
N VAL A 347 21.31 -11.35 -7.33
CA VAL A 347 20.22 -12.20 -7.80
C VAL A 347 19.62 -12.98 -6.63
N ALA A 348 20.49 -13.54 -5.77
CA ALA A 348 20.00 -14.21 -4.57
C ALA A 348 19.28 -13.22 -3.66
N PHE A 349 19.78 -11.99 -3.59
CA PHE A 349 19.10 -10.93 -2.86
C PHE A 349 17.66 -10.77 -3.32
N MET A 350 17.46 -10.61 -4.62
CA MET A 350 16.11 -10.35 -5.11
C MET A 350 15.21 -11.58 -4.93
N LEU A 351 15.73 -12.78 -5.20
CA LEU A 351 14.92 -13.98 -5.01
C LEU A 351 14.52 -14.15 -3.55
N ILE A 352 15.48 -13.99 -2.63
CA ILE A 352 15.19 -14.14 -1.21
C ILE A 352 14.25 -13.05 -0.73
N SER A 353 14.40 -11.83 -1.25
CA SER A 353 13.51 -10.75 -0.87
C SER A 353 12.08 -11.05 -1.30
N GLY A 354 11.91 -11.55 -2.53
CA GLY A 354 10.58 -11.92 -2.97
C GLY A 354 9.99 -13.05 -2.17
N LEU A 355 10.79 -14.08 -1.89
CA LEU A 355 10.29 -15.20 -1.08
C LEU A 355 9.89 -14.74 0.30
N LEU A 356 10.70 -13.87 0.92
CA LEU A 356 10.38 -13.38 2.26
C LEU A 356 9.14 -12.49 2.24
N GLN A 357 8.98 -11.67 1.20
CA GLN A 357 7.76 -10.88 1.08
C GLN A 357 6.53 -11.77 0.97
N ALA A 358 6.61 -12.82 0.14
CA ALA A 358 5.49 -13.74 0.03
C ALA A 358 5.21 -14.44 1.35
N VAL A 359 6.26 -14.88 2.05
CA VAL A 359 6.07 -15.56 3.33
C VAL A 359 5.45 -14.62 4.35
N TYR A 360 5.89 -13.36 4.39
CA TYR A 360 5.29 -12.39 5.30
C TYR A 360 3.84 -12.16 4.97
N TRP A 361 3.50 -12.04 3.69
CA TRP A 361 2.11 -11.82 3.31
C TRP A 361 1.24 -13.00 3.70
N ILE A 362 1.74 -14.22 3.50
CA ILE A 362 0.99 -15.40 3.91
C ILE A 362 0.81 -15.42 5.43
N ARG A 363 1.87 -15.13 6.17
CA ARG A 363 1.79 -15.11 7.63
C ARG A 363 0.82 -14.03 8.11
N GLN A 364 0.70 -12.94 7.38
CA GLN A 364 -0.22 -11.87 7.75
C GLN A 364 -1.58 -12.03 7.11
N GLY A 365 -1.70 -12.86 6.07
CA GLY A 365 -2.97 -13.12 5.44
C GLY A 365 -3.30 -12.11 4.35
N GLY A 366 -3.50 -12.60 3.13
CA GLY A 366 -3.81 -11.72 2.02
C GLY A 366 -5.08 -10.92 2.24
N ASP A 367 -5.02 -9.62 2.03
CA ASP A 367 -6.15 -8.73 2.29
C ASP A 367 -7.30 -9.02 1.32
N PHE A 368 -8.40 -8.29 1.51
CA PHE A 368 -9.58 -8.48 0.67
C PHE A 368 -9.31 -8.20 -0.80
N MET A 369 -8.26 -7.44 -1.11
CA MET A 369 -7.84 -7.26 -2.50
C MET A 369 -7.53 -8.61 -3.13
N HIS A 370 -7.85 -8.73 -4.42
CA HIS A 370 -7.61 -9.99 -5.13
C HIS A 370 -6.15 -10.40 -5.04
N GLY A 371 -5.25 -9.58 -5.57
CA GLY A 371 -3.85 -9.93 -5.60
C GLY A 371 -2.91 -8.78 -5.33
N ARG A 372 -3.39 -7.73 -4.65
CA ARG A 372 -2.54 -6.57 -4.40
C ARG A 372 -1.33 -6.93 -3.56
N VAL A 373 -1.52 -7.74 -2.52
CA VAL A 373 -0.42 -8.05 -1.61
C VAL A 373 0.68 -8.84 -2.30
N LEU A 374 0.29 -9.85 -3.09
CA LEU A 374 1.26 -10.77 -3.70
C LEU A 374 1.94 -10.19 -4.92
N LEU A 375 1.49 -9.05 -5.44
CA LEU A 375 2.13 -8.47 -6.62
C LEU A 375 3.58 -8.10 -6.36
N THR A 376 3.87 -7.51 -5.20
CA THR A 376 5.25 -7.14 -4.88
C THR A 376 6.18 -8.34 -4.77
N PRO A 377 5.89 -9.38 -3.97
CA PRO A 377 6.81 -10.54 -3.95
C PRO A 377 6.92 -11.21 -5.30
N LEU A 378 5.82 -11.28 -6.05
CA LEU A 378 5.87 -11.88 -7.38
C LEU A 378 6.76 -11.08 -8.31
N PHE A 379 6.65 -9.76 -8.27
CA PHE A 379 7.52 -8.90 -9.07
C PHE A 379 8.98 -9.08 -8.68
N CYS A 380 9.23 -9.23 -7.37
CA CYS A 380 10.60 -9.48 -6.91
C CYS A 380 11.13 -10.79 -7.48
N LEU A 381 10.32 -11.85 -7.44
CA LEU A 381 10.74 -13.13 -8.01
C LEU A 381 11.02 -13.00 -9.49
N LEU A 382 10.18 -12.26 -10.21
CA LEU A 382 10.32 -12.19 -11.66
C LEU A 382 11.40 -11.21 -12.10
N ALA A 383 11.89 -10.35 -11.20
CA ALA A 383 12.88 -9.35 -11.60
C ALA A 383 14.17 -9.95 -12.15
N PRO A 384 14.86 -10.88 -11.45
CA PRO A 384 16.15 -11.35 -11.97
C PRO A 384 16.06 -12.03 -13.32
N VAL A 385 14.89 -12.56 -13.68
CA VAL A 385 14.65 -13.15 -15.00
C VAL A 385 13.77 -12.24 -15.85
N ALA A 386 13.71 -10.95 -15.53
CA ALA A 386 12.86 -10.00 -16.25
C ALA A 386 13.20 -9.91 -17.73
N VAL A 387 14.45 -10.18 -18.12
CA VAL A 387 14.87 -10.16 -19.51
C VAL A 387 15.94 -11.22 -19.71
N ILE A 388 15.72 -12.14 -20.63
CA ILE A 388 16.56 -13.34 -20.77
C ILE A 388 17.36 -13.21 -22.06
N PRO A 389 18.68 -13.39 -22.02
CA PRO A 389 19.47 -13.32 -23.25
C PRO A 389 19.59 -14.67 -23.93
N LEU A 390 19.46 -14.66 -25.25
CA LEU A 390 19.63 -15.84 -26.09
C LEU A 390 21.08 -15.98 -26.57
N LEU A 391 22.02 -15.95 -25.64
CA LEU A 391 23.42 -16.08 -25.99
C LEU A 391 23.70 -17.48 -26.50
N LEU A 392 24.48 -17.56 -27.57
CA LEU A 392 24.96 -18.84 -28.05
C LEU A 392 26.09 -19.34 -27.16
N PRO A 393 26.25 -20.65 -27.00
CA PRO A 393 27.36 -21.14 -26.18
C PRO A 393 28.72 -20.71 -26.72
N ASP A 394 28.87 -20.64 -28.04
CA ASP A 394 30.11 -20.22 -28.69
C ASP A 394 31.30 -21.03 -28.18
N ARG A 395 31.12 -22.34 -28.10
CA ARG A 395 32.19 -23.24 -27.69
C ARG A 395 33.34 -23.18 -28.69
N ALA A 399 29.47 -24.14 -32.42
CA ALA A 399 29.02 -23.78 -33.76
C ALA A 399 28.75 -25.04 -34.59
N ARG A 400 28.64 -26.18 -33.93
CA ARG A 400 28.37 -27.44 -34.60
C ARG A 400 26.89 -27.81 -34.62
N GLY A 401 26.09 -27.20 -33.75
CA GLY A 401 24.67 -27.50 -33.69
C GLY A 401 24.24 -28.10 -32.37
N ALA A 402 25.06 -29.00 -31.83
CA ALA A 402 24.72 -29.61 -30.54
C ALA A 402 24.61 -28.56 -29.45
N GLY A 403 25.55 -27.61 -29.42
CA GLY A 403 25.40 -26.46 -28.54
C GLY A 403 24.38 -25.47 -29.02
N TYR A 404 24.05 -25.51 -30.32
CA TYR A 404 23.01 -24.64 -30.85
C TYR A 404 21.62 -25.05 -30.39
N LEU A 405 21.45 -26.32 -29.98
CA LEU A 405 20.19 -26.75 -29.39
C LEU A 405 19.73 -25.82 -28.29
N TYR A 406 20.66 -25.10 -27.65
CA TYR A 406 20.31 -24.08 -26.68
C TYR A 406 19.17 -23.21 -27.19
N ALA A 407 19.33 -22.63 -28.39
CA ALA A 407 18.27 -21.81 -28.95
C ALA A 407 16.96 -22.59 -28.99
N GLY A 408 17.00 -23.78 -29.59
CA GLY A 408 15.82 -24.63 -29.68
C GLY A 408 15.27 -25.07 -28.34
N ALA A 409 16.05 -24.89 -27.27
CA ALA A 409 15.59 -25.17 -25.93
C ALA A 409 15.65 -23.95 -25.01
N THR A 410 15.95 -22.77 -25.53
CA THR A 410 15.87 -21.56 -24.72
C THR A 410 14.98 -20.48 -25.32
N ALA A 411 14.98 -20.32 -26.65
CA ALA A 411 13.93 -19.52 -27.27
C ALA A 411 12.57 -20.18 -27.11
N VAL A 412 12.50 -21.49 -27.33
CA VAL A 412 11.23 -22.20 -27.21
C VAL A 412 10.63 -21.99 -25.83
N LEU A 413 11.45 -22.12 -24.79
CA LEU A 413 10.94 -21.87 -23.44
C LEU A 413 10.35 -20.48 -23.34
N TRP A 414 11.02 -19.47 -23.91
CA TRP A 414 10.46 -18.13 -23.86
C TRP A 414 9.11 -18.08 -24.57
N LEU A 415 8.99 -18.80 -25.69
CA LEU A 415 7.70 -18.86 -26.36
C LEU A 415 6.65 -19.48 -25.44
N ALA A 416 7.04 -20.51 -24.67
CA ALA A 416 6.16 -21.10 -23.68
C ALA A 416 5.91 -20.18 -22.50
N VAL A 417 6.69 -19.11 -22.36
CA VAL A 417 6.42 -18.07 -21.38
C VAL A 417 5.55 -16.96 -21.98
N ALA A 418 6.06 -16.29 -23.02
CA ALA A 418 5.31 -15.22 -23.66
C ALA A 418 3.95 -15.72 -24.13
N GLY A 419 3.90 -16.92 -24.68
CA GLY A 419 2.63 -17.51 -25.06
C GLY A 419 1.66 -17.56 -23.89
N TRP A 420 2.12 -18.09 -22.75
CA TRP A 420 1.28 -18.10 -21.57
C TRP A 420 0.82 -16.70 -21.21
N ALA A 421 1.70 -15.70 -21.41
CA ALA A 421 1.31 -14.33 -21.11
C ALA A 421 0.10 -13.93 -21.93
N LEU A 422 0.09 -14.28 -23.21
CA LEU A 422 -1.06 -13.94 -24.06
C LEU A 422 -2.32 -14.62 -23.57
N TRP A 423 -2.18 -15.74 -22.84
CA TRP A 423 -3.32 -16.39 -22.20
C TRP A 423 -3.59 -15.86 -20.80
N ALA A 424 -2.56 -15.31 -20.14
CA ALA A 424 -2.73 -14.84 -18.77
C ALA A 424 -3.56 -13.57 -18.72
N ALA A 425 -3.28 -12.62 -19.62
CA ALA A 425 -4.05 -11.37 -19.64
C ALA A 425 -5.49 -11.63 -20.04
N ASN A 426 -5.70 -12.42 -21.08
CA ASN A 426 -7.05 -12.60 -21.60
C ASN A 426 -7.93 -13.44 -20.68
N SER A 427 -7.34 -14.19 -19.76
CA SER A 427 -8.13 -15.02 -18.87
C SER A 427 -8.78 -14.16 -17.79
N PRO A 428 -10.10 -14.22 -17.62
CA PRO A 428 -10.75 -13.42 -16.57
C PRO A 428 -10.24 -13.81 -15.20
N GLY A 429 -10.09 -12.80 -14.34
CA GLY A 429 -9.58 -13.05 -13.00
C GLY A 429 -10.66 -13.07 -11.94
N MET A 430 -11.04 -14.26 -11.49
CA MET A 430 -12.03 -14.36 -10.43
C MET A 430 -11.43 -13.95 -9.09
N GLY A 431 -12.19 -13.19 -8.32
CA GLY A 431 -11.74 -12.72 -7.03
C GLY A 431 -11.56 -13.82 -6.00
N THR A 438 -16.15 -20.62 -1.44
CA THR A 438 -16.61 -19.32 -1.92
C THR A 438 -16.89 -18.38 -0.76
N TYR A 439 -16.65 -18.85 0.45
CA TYR A 439 -16.88 -18.07 1.66
C TYR A 439 -15.72 -17.14 2.01
N SER A 440 -14.63 -17.19 1.25
CA SER A 440 -13.48 -16.35 1.53
C SER A 440 -13.83 -14.88 1.25
N GLY A 441 -13.07 -13.99 1.89
CA GLY A 441 -13.29 -12.57 1.74
C GLY A 441 -12.50 -11.98 0.58
N ILE A 442 -12.01 -12.84 -0.30
CA ILE A 442 -11.22 -12.41 -1.45
C ILE A 442 -12.17 -12.06 -2.59
N VAL A 443 -12.17 -10.80 -3.00
CA VAL A 443 -13.02 -10.34 -4.09
C VAL A 443 -12.22 -9.37 -4.96
N ASP A 444 -12.39 -9.48 -6.27
CA ASP A 444 -11.71 -8.59 -7.21
C ASP A 444 -12.28 -7.19 -7.04
N GLU A 445 -11.54 -6.31 -6.35
CA GLU A 445 -12.10 -5.03 -5.97
C GLU A 445 -12.37 -4.15 -7.17
N ARG A 446 -11.57 -4.25 -8.23
CA ARG A 446 -11.86 -3.48 -9.44
C ARG A 446 -13.23 -3.84 -10.00
N ARG A 447 -13.48 -5.14 -10.19
CA ARG A 447 -14.79 -5.58 -10.66
C ARG A 447 -15.88 -5.23 -9.66
N PHE A 448 -15.58 -5.35 -8.36
CA PHE A 448 -16.56 -5.04 -7.33
C PHE A 448 -17.04 -3.60 -7.47
N TYR A 449 -16.10 -2.67 -7.59
CA TYR A 449 -16.48 -1.26 -7.65
C TYR A 449 -16.92 -0.82 -9.04
N SER A 450 -16.60 -1.59 -10.08
CA SER A 450 -17.15 -1.28 -11.39
C SER A 450 -18.60 -1.73 -11.50
N GLN A 451 -18.94 -2.88 -10.92
CA GLN A 451 -20.31 -3.37 -10.96
C GLN A 451 -21.15 -2.87 -9.79
N ALA A 452 -20.54 -2.18 -8.83
CA ALA A 452 -21.29 -1.54 -7.75
C ALA A 452 -21.71 -0.12 -8.11
N THR A 453 -20.87 0.61 -8.84
CA THR A 453 -21.22 1.94 -9.32
C THR A 453 -21.83 1.83 -10.72
N GLY A 454 -22.20 2.98 -11.28
CA GLY A 454 -22.79 3.03 -12.59
C GLY A 454 -21.82 3.06 -13.75
N HIS A 455 -20.52 2.92 -13.49
CA HIS A 455 -19.50 3.05 -14.52
C HIS A 455 -18.64 1.79 -14.56
N ALA A 456 -18.04 1.53 -15.72
CA ALA A 456 -17.13 0.41 -15.86
C ALA A 456 -15.68 0.80 -15.57
N HIS A 457 -15.36 2.08 -15.64
CA HIS A 457 -14.01 2.59 -15.40
C HIS A 457 -14.11 3.69 -14.35
N PRO A 458 -14.30 3.32 -13.08
CA PRO A 458 -14.50 4.35 -12.05
C PRO A 458 -13.23 5.09 -11.74
N LEU A 459 -12.89 6.06 -12.59
CA LEU A 459 -11.67 6.83 -12.43
C LEU A 459 -11.86 7.97 -11.43
N THR A 460 -12.76 8.90 -11.76
CA THR A 460 -12.93 10.09 -10.94
C THR A 460 -13.70 9.75 -9.67
N ALA A 461 -13.53 10.60 -8.66
CA ALA A 461 -14.30 10.44 -7.43
C ALA A 461 -15.73 10.90 -7.60
N ALA A 462 -15.98 11.75 -8.61
CA ALA A 462 -17.36 12.08 -8.96
C ALA A 462 -18.09 10.89 -9.56
N ASP A 463 -17.35 9.97 -10.18
CA ASP A 463 -17.96 8.75 -10.69
C ASP A 463 -18.38 7.82 -9.56
N TYR A 464 -17.65 7.81 -8.45
CA TYR A 464 -18.00 6.93 -7.33
C TYR A 464 -19.30 7.31 -6.65
N LEU A 465 -19.86 8.49 -6.94
CA LEU A 465 -21.08 8.91 -6.28
C LEU A 465 -22.24 7.96 -6.56
N ASP A 466 -22.21 7.23 -7.67
CA ASP A 466 -23.28 6.30 -7.99
C ASP A 466 -23.33 5.12 -7.03
N TYR A 467 -22.31 4.94 -6.19
CA TYR A 467 -22.30 3.85 -5.23
C TYR A 467 -23.55 3.94 -4.36
N PRO A 468 -24.11 2.80 -3.93
CA PRO A 468 -25.47 2.83 -3.35
C PRO A 468 -25.69 3.81 -2.22
N ARG A 469 -24.70 4.01 -1.34
CA ARG A 469 -24.89 4.84 -0.16
C ARG A 469 -24.18 6.18 -0.22
N MET A 470 -23.63 6.56 -1.38
CA MET A 470 -22.76 7.72 -1.45
C MET A 470 -23.40 8.94 -2.09
N ARG A 471 -24.56 8.80 -2.74
CA ARG A 471 -25.40 9.96 -2.99
C ARG A 471 -26.28 10.29 -1.80
N ALA A 472 -26.68 9.25 -1.03
CA ALA A 472 -27.54 9.47 0.12
C ALA A 472 -26.83 10.25 1.22
N VAL A 473 -25.51 10.04 1.37
CA VAL A 473 -24.78 10.79 2.39
C VAL A 473 -24.81 12.28 2.08
N LEU A 474 -24.57 12.64 0.82
CA LEU A 474 -24.60 14.05 0.43
C LEU A 474 -26.01 14.63 0.53
N THR A 475 -27.03 13.89 0.08
CA THR A 475 -28.38 14.42 0.20
C THR A 475 -28.73 14.67 1.66
N ALA A 476 -28.36 13.74 2.56
CA ALA A 476 -28.66 13.94 3.97
C ALA A 476 -27.87 15.12 4.55
N ILE A 477 -26.59 15.25 4.20
CA ILE A 477 -25.79 16.33 4.77
C ILE A 477 -26.33 17.70 4.37
N GLU A 478 -26.67 17.88 3.10
CA GLU A 478 -27.30 19.16 2.76
C GLU A 478 -28.75 19.23 3.24
N ASN A 479 -29.35 18.09 3.60
CA ASN A 479 -30.70 18.11 4.14
C ASN A 479 -30.71 18.62 5.57
N THR A 480 -29.75 18.17 6.39
CA THR A 480 -29.70 18.56 7.80
C THR A 480 -28.55 19.54 8.01
N PRO A 481 -28.83 20.81 8.31
CA PRO A 481 -27.77 21.80 8.53
C PRO A 481 -27.31 21.98 9.97
N ASP A 482 -27.77 21.15 10.90
CA ASP A 482 -27.36 21.24 12.30
C ASP A 482 -26.56 20.02 12.73
N GLY A 483 -25.77 19.46 11.83
CA GLY A 483 -24.92 18.33 12.15
C GLY A 483 -25.69 17.03 12.18
N ALA A 484 -24.95 15.93 12.10
CA ALA A 484 -25.51 14.59 12.21
C ALA A 484 -24.43 13.52 12.20
N LEU A 485 -24.72 12.39 12.84
CA LEU A 485 -23.91 11.18 12.75
C LEU A 485 -24.66 10.25 11.80
N LEU A 486 -24.04 10.01 10.65
CA LEU A 486 -24.66 9.20 9.62
C LEU A 486 -24.19 7.76 9.74
N LEU A 487 -25.14 6.83 9.80
CA LEU A 487 -24.86 5.41 9.88
C LEU A 487 -25.62 4.69 8.77
N PRO A 488 -25.11 3.55 8.31
CA PRO A 488 -25.85 2.79 7.27
C PRO A 488 -27.13 2.23 7.85
N SER A 489 -28.26 2.66 7.28
CA SER A 489 -29.56 2.25 7.79
C SER A 489 -29.85 0.81 7.43
N GLY A 490 -30.26 0.01 8.41
CA GLY A 490 -30.60 -1.37 8.13
C GLY A 490 -31.82 -1.50 7.25
N ASP A 491 -32.83 -0.66 7.48
CA ASP A 491 -34.07 -0.76 6.71
C ASP A 491 -33.85 -0.41 5.24
N TYR A 492 -33.16 0.70 4.97
CA TYR A 492 -33.02 1.20 3.60
C TYR A 492 -31.58 1.65 3.36
N ASP A 493 -31.25 1.82 2.08
CA ASP A 493 -29.87 2.16 1.71
C ASP A 493 -29.46 3.54 2.22
N ARG A 494 -30.40 4.44 2.47
CA ARG A 494 -30.06 5.76 2.95
C ARG A 494 -29.48 5.68 4.37
N TRP A 495 -29.16 6.84 4.93
CA TRP A 495 -28.43 6.93 6.19
C TRP A 495 -29.36 7.23 7.35
N ASP A 496 -29.24 6.43 8.41
CA ASP A 496 -29.84 6.78 9.69
C ASP A 496 -29.06 7.92 10.31
N VAL A 497 -29.78 8.93 10.78
CA VAL A 497 -29.17 10.14 11.33
C VAL A 497 -29.35 10.13 12.84
N VAL A 498 -28.23 10.12 13.57
CA VAL A 498 -28.24 10.50 14.96
C VAL A 498 -27.94 11.99 15.00
N PRO A 499 -28.94 12.86 15.13
CA PRO A 499 -28.68 14.30 14.97
C PRO A 499 -27.68 14.79 16.00
N ALA A 500 -26.81 15.69 15.57
CA ALA A 500 -25.81 16.23 16.47
C ALA A 500 -26.48 17.06 17.57
N LEU A 501 -25.74 17.26 18.66
CA LEU A 501 -26.27 18.05 19.77
C LEU A 501 -26.66 19.43 19.25
N PRO A 502 -27.86 19.91 19.56
CA PRO A 502 -28.33 21.18 18.99
C PRO A 502 -27.39 22.31 19.34
N PRO A 503 -26.96 23.10 18.35
CA PRO A 503 -25.99 24.15 18.61
C PRO A 503 -26.54 25.18 19.59
N PRO A 504 -25.71 25.68 20.50
CA PRO A 504 -26.24 26.54 21.56
C PRO A 504 -26.67 27.89 21.00
N PRO A 505 -27.65 28.54 21.63
CA PRO A 505 -28.07 29.86 21.15
C PRO A 505 -26.94 30.87 21.27
N ASP A 506 -26.96 31.86 20.38
CA ASP A 506 -25.97 32.92 20.25
C ASP A 506 -24.67 32.42 19.62
N VAL A 507 -24.52 31.12 19.41
CA VAL A 507 -23.36 30.57 18.70
C VAL A 507 -23.77 30.29 17.26
N ARG A 508 -25.05 30.01 17.06
CA ARG A 508 -25.59 29.89 15.71
C ARG A 508 -25.47 31.20 14.96
N ALA A 509 -25.82 32.32 15.61
CA ALA A 509 -25.65 33.64 15.01
C ALA A 509 -24.20 34.08 14.99
N ALA A 510 -23.38 33.61 15.93
CA ALA A 510 -21.95 33.92 15.93
C ALA A 510 -21.16 32.90 15.13
N ALA A 511 -21.56 32.69 13.88
CA ALA A 511 -20.89 31.77 12.98
C ALA A 511 -20.77 32.42 11.60
N VAL A 512 -19.62 32.23 10.97
CA VAL A 512 -19.37 32.82 9.66
C VAL A 512 -20.03 31.95 8.60
N GLY A 513 -20.81 32.59 7.73
CA GLY A 513 -21.47 31.88 6.65
C GLY A 513 -22.42 30.82 7.13
N GLY A 514 -23.25 31.15 8.11
CA GLY A 514 -24.23 30.22 8.63
C GLY A 514 -23.63 29.09 9.44
N TYR A 515 -24.39 28.55 10.38
CA TYR A 515 -23.89 27.52 11.27
C TYR A 515 -24.10 26.15 10.64
N VAL A 516 -23.01 25.39 10.53
CA VAL A 516 -23.06 23.99 10.10
C VAL A 516 -22.45 23.14 11.20
N GLY A 517 -23.21 22.14 11.64
CA GLY A 517 -22.77 21.31 12.73
C GLY A 517 -21.74 20.28 12.31
N PRO A 518 -21.35 19.45 13.27
CA PRO A 518 -20.37 18.39 12.99
C PRO A 518 -21.02 17.19 12.33
N HIS A 519 -20.71 16.97 11.06
CA HIS A 519 -21.18 15.81 10.32
C HIS A 519 -20.12 14.72 10.42
N THR A 520 -20.52 13.55 10.92
CA THR A 520 -19.61 12.41 11.06
C THR A 520 -20.23 11.21 10.39
N VAL A 521 -19.57 10.69 9.36
CA VAL A 521 -20.06 9.53 8.62
C VAL A 521 -19.34 8.28 9.12
N PHE A 522 -20.10 7.22 9.38
CA PHE A 522 -19.56 5.95 9.86
C PHE A 522 -19.92 4.87 8.84
N PHE A 523 -18.94 4.44 8.05
CA PHE A 523 -19.21 3.46 7.02
C PHE A 523 -17.91 2.75 6.65
N THR A 524 -18.05 1.50 6.20
CA THR A 524 -16.87 0.68 5.91
C THR A 524 -16.04 1.27 4.79
N ASN A 525 -16.68 1.58 3.66
CA ASN A 525 -15.99 2.18 2.52
C ASN A 525 -15.62 3.61 2.85
N LEU A 526 -14.32 3.91 2.88
CA LEU A 526 -13.82 5.12 3.51
C LEU A 526 -13.42 6.18 2.47
N GLY A 527 -12.58 5.82 1.51
CA GLY A 527 -12.00 6.82 0.62
C GLY A 527 -13.04 7.56 -0.18
N MET A 528 -14.03 6.83 -0.71
CA MET A 528 -15.05 7.45 -1.54
C MET A 528 -15.81 8.49 -0.74
N LEU A 529 -16.06 8.20 0.54
CA LEU A 529 -16.57 9.23 1.44
C LEU A 529 -15.62 10.41 1.49
N GLY A 530 -14.32 10.15 1.62
CA GLY A 530 -13.36 11.23 1.75
C GLY A 530 -13.44 12.21 0.59
N MET A 531 -13.54 11.70 -0.63
CA MET A 531 -13.58 12.55 -1.81
C MET A 531 -14.98 12.94 -2.26
N ASN A 532 -16.03 12.43 -1.62
CA ASN A 532 -17.37 12.88 -1.98
C ASN A 532 -18.05 13.67 -0.88
N VAL A 533 -17.79 13.36 0.39
CA VAL A 533 -18.55 13.99 1.46
C VAL A 533 -18.20 15.46 1.61
N GLY A 534 -16.92 15.81 1.55
CA GLY A 534 -16.46 17.16 1.78
C GLY A 534 -15.28 17.18 2.74
N LEU A 535 -14.49 18.24 2.64
CA LEU A 535 -13.28 18.37 3.45
C LEU A 535 -13.58 18.45 4.94
N ASP A 536 -14.61 19.18 5.33
CA ASP A 536 -14.85 19.52 6.72
C ASP A 536 -15.72 18.49 7.45
N VAL A 537 -16.22 17.49 6.73
CA VAL A 537 -17.08 16.48 7.33
C VAL A 537 -16.24 15.29 7.77
N ARG A 538 -16.26 15.01 9.08
CA ARG A 538 -15.43 13.90 9.64
C ARG A 538 -15.76 12.59 8.92
N VAL A 539 -14.73 11.82 8.56
CA VAL A 539 -14.95 10.49 7.91
C VAL A 539 -14.30 9.42 8.80
N ILE A 540 -15.04 8.37 9.16
CA ILE A 540 -14.50 7.34 10.10
C ILE A 540 -14.83 5.94 9.55
N ASP A 541 -14.04 4.93 9.93
CA ASP A 541 -14.24 3.58 9.43
C ASP A 541 -14.35 2.60 10.60
N GLN A 542 -15.17 1.57 10.40
CA GLN A 542 -15.38 0.57 11.45
C GLN A 542 -14.12 -0.23 11.73
N ILE A 543 -13.41 -0.65 10.68
CA ILE A 543 -12.23 -1.49 10.87
C ILE A 543 -11.14 -0.73 11.61
N GLY A 544 -10.91 0.53 11.24
CA GLY A 544 -9.88 1.32 11.87
C GLY A 544 -8.89 1.88 10.87
N LEU A 545 -9.32 2.00 9.61
CA LEU A 545 -8.46 2.60 8.59
C LEU A 545 -8.14 4.05 8.94
N ALA A 546 -9.15 4.81 9.39
CA ALA A 546 -8.93 6.19 9.81
C ALA A 546 -9.65 6.52 11.12
N ASN A 547 -10.06 5.51 11.90
CA ASN A 547 -10.72 5.73 13.16
C ASN A 547 -9.76 5.42 14.30
N PRO A 548 -9.27 6.43 15.04
CA PRO A 548 -8.31 6.14 16.11
C PRO A 548 -8.87 5.21 17.17
N LEU A 549 -10.18 5.25 17.41
CA LEU A 549 -10.77 4.41 18.44
C LEU A 549 -10.89 2.97 17.96
N ALA A 550 -11.17 2.78 16.68
CA ALA A 550 -11.32 1.43 16.14
C ALA A 550 -9.97 0.74 15.96
N ALA A 551 -8.96 1.49 15.53
CA ALA A 551 -7.66 0.89 15.26
C ALA A 551 -7.08 0.23 16.49
N HIS A 552 -7.30 0.82 17.67
CA HIS A 552 -6.80 0.26 18.92
C HIS A 552 -7.65 -0.90 19.43
N THR A 553 -8.80 -1.15 18.83
CA THR A 553 -9.70 -2.20 19.32
C THR A 553 -9.05 -3.57 19.17
N ALA A 554 -9.07 -4.35 20.24
CA ALA A 554 -8.54 -5.71 20.22
C ALA A 554 -9.53 -6.66 19.54
N ARG A 555 -9.02 -7.77 19.04
CA ARG A 555 -9.83 -8.77 18.35
C ARG A 555 -9.92 -10.04 19.18
N LEU A 556 -11.09 -10.68 19.13
CA LEU A 556 -11.35 -11.92 19.85
C LEU A 556 -11.22 -13.15 18.98
N THR A 557 -11.71 -13.09 17.75
CA THR A 557 -11.72 -14.24 16.84
C THR A 557 -11.08 -13.85 15.51
N ASP A 558 -10.53 -14.85 14.83
CA ASP A 558 -9.89 -14.60 13.54
C ASP A 558 -10.91 -14.14 12.49
N GLY A 559 -12.03 -14.85 12.39
CA GLY A 559 -13.09 -14.45 11.48
C GLY A 559 -12.60 -14.30 10.04
N ARG A 560 -12.97 -13.19 9.42
CA ARG A 560 -12.60 -12.88 8.06
C ARG A 560 -11.34 -12.00 8.05
N ILE A 561 -10.73 -11.86 6.88
CA ILE A 561 -9.53 -11.05 6.71
C ILE A 561 -9.92 -9.70 6.14
N GLY A 562 -9.53 -8.63 6.84
CA GLY A 562 -9.75 -7.28 6.37
C GLY A 562 -11.10 -6.68 6.73
N HIS A 563 -12.05 -7.48 7.21
CA HIS A 563 -13.37 -6.95 7.55
C HIS A 563 -13.93 -7.51 8.85
N ASP A 564 -13.18 -8.34 9.57
CA ASP A 564 -13.72 -8.98 10.77
C ASP A 564 -13.90 -7.96 11.89
N LYS A 565 -12.88 -7.15 12.16
CA LYS A 565 -12.87 -6.25 13.31
C LYS A 565 -13.72 -5.01 13.01
N ASN A 566 -15.02 -5.26 12.87
CA ASN A 566 -15.99 -4.19 12.64
C ASN A 566 -16.36 -3.60 13.99
N LEU A 567 -15.97 -2.35 14.23
CA LEU A 567 -16.29 -1.68 15.47
C LEU A 567 -17.79 -1.44 15.57
N PHE A 568 -18.32 -1.53 16.78
CA PHE A 568 -19.74 -1.33 16.99
C PHE A 568 -20.10 0.12 16.71
N PRO A 569 -21.26 0.38 16.08
CA PRO A 569 -21.71 1.77 15.94
C PRO A 569 -21.91 2.47 17.26
N ASP A 570 -22.11 1.73 18.36
CA ASP A 570 -22.23 2.35 19.67
C ASP A 570 -20.95 3.09 20.04
N TRP A 571 -19.79 2.52 19.69
CA TRP A 571 -18.53 3.23 19.87
C TRP A 571 -18.51 4.50 19.03
N ALA A 572 -18.97 4.41 17.78
CA ALA A 572 -18.94 5.56 16.89
C ALA A 572 -19.77 6.70 17.43
N VAL A 573 -20.96 6.39 17.95
CA VAL A 573 -21.81 7.42 18.57
C VAL A 573 -21.37 7.78 19.97
N ALA A 574 -20.42 7.04 20.55
CA ALA A 574 -19.90 7.41 21.87
C ALA A 574 -19.17 8.74 21.84
N GLU A 575 -18.37 8.99 20.79
CA GLU A 575 -17.62 10.22 20.68
C GLU A 575 -18.33 11.20 19.76
N GLY A 576 -18.16 12.48 20.04
CA GLY A 576 -18.74 13.52 19.24
C GLY A 576 -20.02 14.07 19.83
N PRO A 577 -20.43 15.25 19.39
CA PRO A 577 -21.66 15.86 19.93
C PRO A 577 -22.91 15.21 19.38
N PHE A 578 -23.14 13.94 19.71
CA PHE A 578 -24.25 13.16 19.20
C PHE A 578 -25.15 12.71 20.33
N LEU A 579 -26.46 12.82 20.10
CA LEU A 579 -27.46 12.54 21.13
C LEU A 579 -27.42 11.06 21.55
N LYS A 580 -27.80 10.82 22.80
CA LYS A 580 -27.69 9.50 23.42
C LYS A 580 -29.02 8.84 23.70
N GLU A 581 -30.05 9.63 24.01
CA GLU A 581 -31.32 9.08 24.44
C GLU A 581 -31.94 8.21 23.35
N PRO A 582 -32.72 7.20 23.72
CA PRO A 582 -33.23 6.23 22.73
C PRO A 582 -34.09 6.87 21.64
N PRO A 583 -34.90 7.90 21.92
CA PRO A 583 -35.81 8.40 20.86
C PRO A 583 -35.09 8.87 19.60
N TRP A 584 -33.88 9.40 19.72
CA TRP A 584 -33.19 10.00 18.59
C TRP A 584 -32.19 9.06 17.92
N ILE A 585 -31.55 8.18 18.67
CA ILE A 585 -30.62 7.21 18.07
C ILE A 585 -31.43 6.22 17.24
N PRO A 586 -30.84 5.58 16.23
CA PRO A 586 -31.59 4.56 15.48
C PRO A 586 -31.96 3.39 16.38
N GLN A 587 -33.06 2.72 16.01
CA GLN A 587 -33.59 1.66 16.85
C GLN A 587 -32.61 0.50 16.99
N TYR A 588 -31.94 0.12 15.90
CA TYR A 588 -31.12 -1.09 15.89
C TYR A 588 -29.81 -0.94 16.66
N LEU A 589 -29.62 0.14 17.40
CA LEU A 589 -28.51 0.25 18.32
C LEU A 589 -28.96 0.00 19.76
N ASP A 590 -28.03 -0.44 20.58
CA ASP A 590 -28.29 -0.74 21.98
C ASP A 590 -27.83 0.44 22.83
N GLU A 591 -28.78 1.06 23.55
CA GLU A 591 -28.46 2.24 24.35
C GLU A 591 -27.46 1.92 25.46
N ASP A 592 -27.58 0.74 26.06
CA ASP A 592 -26.69 0.37 27.15
C ASP A 592 -25.24 0.33 26.67
N TRP A 593 -25.00 -0.27 25.50
CA TRP A 593 -23.66 -0.25 24.92
C TRP A 593 -23.19 1.18 24.67
N ILE A 594 -24.08 2.06 24.23
CA ILE A 594 -23.70 3.43 23.96
C ILE A 594 -23.24 4.12 25.24
N ARG A 595 -24.02 3.97 26.32
CA ARG A 595 -23.65 4.59 27.59
C ARG A 595 -22.36 4.01 28.14
N GLN A 596 -22.20 2.68 28.04
CA GLN A 596 -20.99 2.06 28.54
C GLN A 596 -19.76 2.49 27.74
N ALA A 597 -19.90 2.62 26.41
CA ALA A 597 -18.79 3.11 25.61
C ALA A 597 -18.44 4.55 25.96
N GLU A 598 -19.46 5.39 26.15
CA GLU A 598 -19.19 6.77 26.54
C GLU A 598 -18.46 6.84 27.87
N ALA A 599 -18.88 6.02 28.83
CA ALA A 599 -18.16 5.96 30.10
C ALA A 599 -16.76 5.38 29.93
N ALA A 600 -16.56 4.55 28.91
CA ALA A 600 -15.24 3.94 28.69
C ALA A 600 -14.26 4.95 28.12
N LEU A 601 -14.71 5.79 27.18
CA LEU A 601 -13.80 6.73 26.53
C LEU A 601 -13.20 7.73 27.50
N LYS A 602 -13.79 7.88 28.69
CA LYS A 602 -13.29 8.83 29.67
C LYS A 602 -12.14 8.28 30.51
N CYS A 603 -11.75 7.01 30.31
CA CYS A 603 -10.66 6.45 31.09
C CYS A 603 -9.36 7.18 30.76
N PRO A 604 -8.45 7.30 31.72
CA PRO A 604 -7.24 8.10 31.49
C PRO A 604 -6.42 7.66 30.28
N GLU A 605 -6.32 6.36 30.04
CA GLU A 605 -5.42 5.89 28.98
C GLU A 605 -5.98 6.17 27.59
N THR A 606 -7.23 5.75 27.33
CA THR A 606 -7.82 6.02 26.02
C THR A 606 -7.98 7.52 25.78
N ASP A 607 -8.39 8.25 26.82
CA ASP A 607 -8.53 9.70 26.68
C ASP A 607 -7.19 10.35 26.37
N LYS A 608 -6.12 9.90 27.04
CA LYS A 608 -4.79 10.44 26.76
C LYS A 608 -4.33 10.10 25.35
N VAL A 609 -4.59 8.88 24.89
CA VAL A 609 -4.21 8.49 23.54
C VAL A 609 -4.94 9.34 22.52
N LEU A 610 -6.25 9.55 22.73
CA LEU A 610 -7.00 10.41 21.80
C LEU A 610 -6.51 11.85 21.85
N ASP A 611 -6.20 12.36 23.05
CA ASP A 611 -5.70 13.72 23.15
C ASP A 611 -4.39 13.88 22.40
N ALA A 612 -3.50 12.89 22.51
CA ALA A 612 -2.21 12.98 21.85
C ALA A 612 -2.33 12.86 20.33
N ILE A 613 -3.50 12.49 19.83
CA ILE A 613 -3.73 12.36 18.40
C ILE A 613 -4.79 13.36 17.91
N ARG A 614 -5.23 14.28 18.77
CA ARG A 614 -6.21 15.29 18.38
C ARG A 614 -5.94 16.68 18.91
N ALA A 615 -5.07 16.85 19.91
CA ALA A 615 -4.85 18.16 20.51
C ALA A 615 -4.07 19.06 19.56
N PRO A 616 -4.13 20.38 19.76
CA PRO A 616 -3.36 21.29 18.91
C PRO A 616 -1.88 20.96 18.93
N MET A 617 -1.28 20.88 17.74
CA MET A 617 0.12 20.54 17.63
C MET A 617 1.03 21.66 18.11
N GLY A 618 2.20 21.28 18.59
CA GLY A 618 3.22 22.22 19.01
C GLY A 618 4.55 21.52 19.14
N PHE A 619 5.53 22.25 19.65
CA PHE A 619 6.82 21.64 19.98
C PHE A 619 6.67 20.67 21.15
N ARG A 620 5.96 21.09 22.21
CA ARG A 620 5.73 20.22 23.35
C ARG A 620 4.95 18.99 22.96
N ARG A 621 3.91 19.16 22.14
CA ARG A 621 3.12 18.01 21.72
C ARG A 621 3.94 17.05 20.88
N PHE A 622 4.79 17.58 19.99
CA PHE A 622 5.66 16.74 19.19
C PHE A 622 6.63 15.94 20.07
N LEU A 623 7.24 16.61 21.05
CA LEU A 623 8.16 15.90 21.94
C LEU A 623 7.44 14.84 22.76
N SER A 624 6.27 15.16 23.31
CA SER A 624 5.54 14.20 24.11
C SER A 624 5.09 13.01 23.28
N ASN A 625 4.64 13.25 22.05
CA ASN A 625 4.26 12.15 21.17
C ASN A 625 5.47 11.28 20.83
N VAL A 626 6.63 11.90 20.56
CA VAL A 626 7.81 11.10 20.29
C VAL A 626 8.15 10.22 21.48
N MET A 627 8.08 10.78 22.70
CA MET A 627 8.43 10.02 23.88
C MET A 627 7.45 8.89 24.13
N HIS A 628 6.14 9.14 23.94
CA HIS A 628 5.12 8.19 24.33
C HIS A 628 4.52 7.43 23.16
N ALA A 629 5.17 7.45 21.99
CA ALA A 629 4.69 6.67 20.86
C ALA A 629 4.66 5.18 21.18
N ALA A 630 5.70 4.69 21.85
CA ALA A 630 5.73 3.28 22.24
C ALA A 630 4.56 2.95 23.15
N GLU A 631 4.28 3.81 24.13
CA GLU A 631 3.16 3.56 25.03
C GLU A 631 1.84 3.56 24.28
N TYR A 632 1.66 4.50 23.35
CA TYR A 632 0.38 4.60 22.64
C TYR A 632 0.19 3.41 21.69
N THR A 633 1.27 2.95 21.06
CA THR A 633 1.15 1.85 20.11
C THR A 633 0.71 0.56 20.78
N ARG A 634 1.30 0.24 21.92
CA ARG A 634 0.99 -1.00 22.65
C ARG A 634 -0.17 -0.78 23.62
N TYR A 635 -1.29 -0.25 23.11
CA TYR A 635 -2.48 -0.01 23.92
C TYR A 635 -3.70 -0.52 23.18
N ARG A 636 -4.26 -1.64 23.63
CA ARG A 636 -5.39 -2.28 22.99
C ARG A 636 -6.65 -2.04 23.82
N ILE A 637 -7.77 -1.80 23.13
CA ILE A 637 -9.06 -1.56 23.77
C ILE A 637 -9.97 -2.73 23.42
N ASP A 638 -10.61 -3.31 24.44
CA ASP A 638 -11.47 -4.45 24.20
C ASP A 638 -12.70 -4.02 23.42
N ARG A 639 -13.12 -4.86 22.47
CA ARG A 639 -14.20 -4.50 21.56
C ARG A 639 -15.51 -4.24 22.31
N VAL A 640 -15.84 -5.09 23.27
CA VAL A 640 -17.13 -4.99 23.95
C VAL A 640 -17.08 -3.84 24.96
N PRO A 641 -18.00 -2.89 24.91
CA PRO A 641 -17.96 -1.76 25.86
C PRO A 641 -17.98 -2.18 27.32
N LEU A 642 -18.77 -3.18 27.68
CA LEU A 642 -18.84 -3.61 29.07
C LEU A 642 -17.51 -4.16 29.54
N TYR A 643 -16.90 -5.04 28.75
CA TYR A 643 -15.59 -5.59 29.10
C TYR A 643 -14.53 -4.50 29.10
N GLU A 644 -14.69 -3.46 28.29
CA GLU A 644 -13.66 -2.40 28.45
C GLU A 644 -13.91 -1.79 29.82
N LEU A 645 -15.06 -1.18 30.05
CA LEU A 645 -15.26 -0.52 31.36
C LEU A 645 -14.73 -1.44 32.47
N ALA A 646 -14.84 -2.78 32.33
CA ALA A 646 -14.25 -3.63 33.37
C ALA A 646 -12.73 -3.55 33.35
N ARG A 647 -12.14 -3.56 32.16
CA ARG A 647 -10.68 -3.52 32.04
C ARG A 647 -10.11 -2.19 32.53
N CYS A 648 -10.66 -1.08 32.05
CA CYS A 648 -10.14 0.23 32.42
C CYS A 648 -10.37 0.53 33.90
N GLY A 649 -11.38 -0.08 34.51
CA GLY A 649 -11.64 0.07 35.92
C GLY A 649 -12.72 1.07 36.29
N LEU A 650 -13.38 1.69 35.30
CA LEU A 650 -14.41 2.64 35.69
C LEU A 650 -15.74 1.92 35.92
N PRO A 651 -16.59 2.44 36.80
CA PRO A 651 -17.88 1.78 37.05
C PRO A 651 -18.79 1.84 35.85
N VAL A 652 -19.70 0.87 35.78
CA VAL A 652 -20.68 0.79 34.70
C VAL A 652 -21.90 1.64 35.04
N PRO A 653 -22.28 2.59 34.19
CA PRO A 653 -23.48 3.38 34.45
C PRO A 653 -24.74 2.53 34.34
N GLU A 654 -25.74 2.90 35.11
CA GLU A 654 -27.03 2.22 35.08
C GLU A 654 -27.82 2.62 33.85
N PRO A 655 -28.74 1.76 33.38
CA PRO A 655 -29.53 2.06 32.18
C PRO A 655 -30.47 3.24 32.37
#